data_8U4R
#
_entry.id   8U4R
#
_cell.length_a   1.00
_cell.length_b   1.00
_cell.length_c   1.00
_cell.angle_alpha   90.00
_cell.angle_beta   90.00
_cell.angle_gamma   90.00
#
_symmetry.space_group_name_H-M   'P 1'
#
loop_
_entity.id
_entity.type
_entity.pdbx_description
1 polymer 'REGN7663 Fab light chain'
2 polymer 'REGN7663 Fab heavy chain'
3 polymer 'C-X-C chemokine receptor type 4'
4 non-polymer CHOLESTEROL
#
loop_
_entity_poly.entity_id
_entity_poly.type
_entity_poly.pdbx_seq_one_letter_code
_entity_poly.pdbx_strand_id
1 'polypeptide(L)'
;DVVMTQSPLSLPVTLGQPASISCRSSQSLVYTDGNTYLNWFQQRPGQSPRRLIYKVSNRDSGVPDRFSGSGSGTDFTLKI
SRVEAEDVGFYYCMQNTHWPLTFGGGTKVEIKRTVAAPSVFIFPPSDEQLKSGTASVVCLLNNFYPREAKVQWKVDNALQ
SGNSQESVTEQDSKDSTYSLSSTLTLSKADYEKHKVYACEVTHQGLSSPVTKSFNRGEC
;
L
2 'polypeptide(L)'
;QVQLVQSGAEVKKPGASVKVSCKASGYTFTSYGISWVRQAPGQGIEWMGWISTYNGNRNYAQKVQGRVTMTTDRSTSTAY
MDLRSLRSDDTAVYYCARHGITGARNYYYHYGMDVWGQGTTVTVSSASTKGPSVFPLAPCSRSTSESTAALGCLVKDYFP
EPVTVSWNSGALTSGVHTFPAVLQSSGLYSLSSVVTVPSSSLGTKTYTCNVDHKPSNTKVDKRVESKYGPPCPPCPAPPV
;
H
3 'polypeptide(L)'
;MKTIIALSYIFCLVFAGAPEGISIYTSDNYTEEMGSGDYDSMKEPCFREENANFNKIFLPTIYSIIFLTGIVGNGLVILV
MGYQKKLRSMTDKYRLHLSVADLLFVITLPFWAVDAVANWYFGNFLCKAVHVIYTVSLYSSVLILAFISLDRYLAIVHAT
NSQRPRKLLAEKVVYVGVWIPALLLTIPDFIFANVSEADDRYICDRFYPNDLWVVVFQFQHIMVGLILPGIVILSCYCII
ISKLSHSKGHQKRKALKTTVILILAFFACWLPYYIGISIDSFILLEIIKQGCEFENTVHKWISITEALAFFHCCLNPILY
AFLGAKFKTSAQHALTSVSRGSSLKILSKGKRGGHSSVSTESESSSFHSSGRPLEVLFQGPGGGGSVSKGEELFTGVVPI
LVELDGDVNGHKFSVSGEGEGDATYGKLTLKFICTTGKLPVPWPTLVTTLTYGVQCFSRYPDHMKQHDFFKSAMPEGYVQ
ERTIFFKDDGNYKTRAEVKFEGDTLVNRIELKGIDFKEDGNILGHKLEYNYNSHNVYIMADKQKNGIKVNFKIRHNIEDG
SVQLADHYQQNTPIGDGPVLLPDNHYLSTQSKLSKDPNEKRDHMVLLEFVTAAGITLGMDELYKDYKDDDDK
;
R
#
# COMPACT_ATOMS: atom_id res chain seq x y z
N ASP A 1 20.76 18.08 -3.84
CA ASP A 1 20.00 18.78 -2.81
C ASP A 1 20.62 18.58 -1.42
N VAL A 2 20.89 17.34 -1.05
CA VAL A 2 21.52 17.00 0.23
C VAL A 2 22.90 16.44 -0.07
N VAL A 3 23.94 17.11 0.40
CA VAL A 3 25.31 16.69 0.18
C VAL A 3 25.77 15.85 1.36
N MET A 4 26.57 14.83 1.08
CA MET A 4 27.12 13.95 2.09
C MET A 4 28.64 13.98 2.03
N THR A 5 29.28 14.26 3.15
CA THR A 5 30.72 14.39 3.23
C THR A 5 31.28 13.22 4.04
N GLN A 6 32.26 12.53 3.46
CA GLN A 6 32.86 11.34 4.05
C GLN A 6 34.29 11.62 4.50
N SER A 7 34.72 10.90 5.54
CA SER A 7 36.07 11.01 6.04
C SER A 7 36.48 9.67 6.65
N PRO A 8 37.76 9.27 6.48
CA PRO A 8 38.76 9.99 5.67
C PRO A 8 38.71 9.57 4.20
N LEU A 9 39.41 10.29 3.33
CA LEU A 9 39.42 9.92 1.92
C LEU A 9 40.03 8.53 1.71
N SER A 10 41.13 8.25 2.40
CA SER A 10 41.75 6.93 2.39
C SER A 10 42.02 6.51 3.82
N LEU A 11 41.80 5.23 4.12
CA LEU A 11 41.88 4.71 5.48
C LEU A 11 42.78 3.48 5.49
N PRO A 12 44.09 3.67 5.58
CA PRO A 12 45.01 2.52 5.71
C PRO A 12 44.91 1.97 7.13
N VAL A 13 44.59 0.69 7.23
CA VAL A 13 44.41 0.01 8.52
C VAL A 13 45.18 -1.29 8.48
N THR A 14 45.47 -1.82 9.67
CA THR A 14 46.19 -3.07 9.83
C THR A 14 45.23 -4.18 10.26
N LEU A 15 45.60 -5.42 9.93
CA LEU A 15 44.75 -6.55 10.21
C LEU A 15 44.57 -6.74 11.72
N GLY A 16 43.34 -7.02 12.13
CA GLY A 16 43.01 -7.20 13.52
C GLY A 16 42.72 -5.92 14.28
N GLN A 17 42.82 -4.77 13.65
CA GLN A 17 42.58 -3.49 14.32
C GLN A 17 41.31 -2.84 13.78
N PRO A 18 40.58 -2.10 14.61
CA PRO A 18 39.31 -1.52 14.18
C PRO A 18 39.52 -0.40 13.15
N ALA A 19 38.46 -0.15 12.38
CA ALA A 19 38.45 0.93 11.41
C ALA A 19 37.13 1.69 11.53
N SER A 20 37.20 3.00 11.29
CA SER A 20 36.03 3.87 11.40
C SER A 20 35.95 4.80 10.20
N ILE A 21 34.76 4.87 9.60
CA ILE A 21 34.48 5.78 8.49
C ILE A 21 33.25 6.61 8.88
N SER A 22 33.37 7.94 8.79
CA SER A 22 32.32 8.82 9.28
C SER A 22 31.83 9.71 8.14
N CYS A 23 30.52 9.79 7.96
CA CYS A 23 29.95 10.72 6.99
C CYS A 23 28.84 11.54 7.64
N ARG A 24 28.74 12.80 7.19
CA ARG A 24 27.76 13.74 7.71
C ARG A 24 27.01 14.39 6.56
N SER A 25 25.73 14.65 6.78
CA SER A 25 24.85 15.21 5.76
C SER A 25 24.71 16.71 5.95
N SER A 26 24.13 17.36 4.93
CA SER A 26 23.87 18.80 5.00
C SER A 26 22.66 19.12 5.87
N GLN A 27 21.64 18.27 5.85
CA GLN A 27 20.41 18.47 6.60
C GLN A 27 20.20 17.30 7.57
N SER A 28 19.15 17.42 8.36
CA SER A 28 18.79 16.35 9.30
C SER A 28 18.04 15.26 8.55
N LEU A 29 18.54 14.04 8.62
CA LEU A 29 17.95 12.91 7.90
C LEU A 29 16.92 12.19 8.74
N VAL A 30 15.95 12.93 9.27
CA VAL A 30 14.85 12.36 10.04
C VAL A 30 13.57 12.56 9.26
N TYR A 31 12.91 11.45 8.92
CA TYR A 31 11.69 11.51 8.14
C TYR A 31 10.51 11.93 9.01
N THR A 32 9.36 12.12 8.38
CA THR A 32 8.17 12.57 9.09
C THR A 32 7.58 11.50 10.01
N ASP A 33 8.01 10.26 9.86
CA ASP A 33 7.56 9.17 10.73
C ASP A 33 8.57 8.83 11.81
N GLY A 34 9.61 9.66 11.99
CA GLY A 34 10.57 9.47 13.05
C GLY A 34 11.70 8.51 12.76
N ASN A 35 11.77 7.96 11.56
CA ASN A 35 12.81 7.02 11.19
C ASN A 35 13.89 7.69 10.36
N THR A 36 15.11 7.22 10.51
CA THR A 36 16.26 7.69 9.73
C THR A 36 16.67 6.60 8.76
N TYR A 37 16.78 6.96 7.48
CA TYR A 37 17.11 6.01 6.41
C TYR A 37 18.46 6.38 5.82
N LEU A 38 19.52 5.91 6.47
CA LEU A 38 20.87 5.98 5.94
C LEU A 38 21.47 4.59 5.96
N ASN A 39 22.08 4.18 4.84
CA ASN A 39 22.60 2.84 4.67
C ASN A 39 24.00 2.89 4.07
N TRP A 40 24.73 1.81 4.26
CA TRP A 40 26.13 1.74 3.88
C TRP A 40 26.34 0.66 2.83
N PHE A 41 27.15 0.97 1.82
CA PHE A 41 27.43 0.09 0.69
C PHE A 41 28.92 -0.22 0.65
N GLN A 42 29.24 -1.46 0.30
CA GLN A 42 30.61 -1.89 0.06
C GLN A 42 30.73 -2.35 -1.38
N GLN A 43 31.75 -1.88 -2.08
CA GLN A 43 32.01 -2.25 -3.47
C GLN A 43 33.41 -2.83 -3.58
N ARG A 44 33.49 -4.08 -4.00
CA ARG A 44 34.74 -4.72 -4.34
C ARG A 44 35.11 -4.39 -5.78
N PRO A 45 36.40 -4.47 -6.14
CA PRO A 45 36.79 -4.03 -7.49
C PRO A 45 36.31 -5.02 -8.54
N GLY A 46 35.47 -4.54 -9.45
CA GLY A 46 34.90 -5.36 -10.49
C GLY A 46 33.52 -5.93 -10.20
N GLN A 47 32.85 -5.45 -9.15
CA GLN A 47 31.54 -5.97 -8.77
C GLN A 47 30.62 -4.80 -8.42
N SER A 48 29.33 -5.06 -8.51
CA SER A 48 28.34 -4.06 -8.16
C SER A 48 28.32 -3.84 -6.65
N PRO A 49 27.88 -2.66 -6.19
CA PRO A 49 27.85 -2.39 -4.75
C PRO A 49 26.97 -3.37 -4.01
N ARG A 50 27.38 -3.69 -2.78
CA ARG A 50 26.65 -4.61 -1.91
C ARG A 50 26.40 -3.90 -0.58
N ARG A 51 25.16 -3.93 -0.12
CA ARG A 51 24.85 -3.31 1.15
C ARG A 51 25.49 -4.07 2.31
N LEU A 52 25.62 -3.36 3.44
CA LEU A 52 26.07 -3.98 4.68
C LEU A 52 25.04 -3.70 5.76
N ILE A 53 24.73 -2.42 5.95
CA ILE A 53 23.88 -1.95 7.04
C ILE A 53 22.83 -1.02 6.46
N TYR A 54 21.60 -1.12 6.96
CA TYR A 54 20.53 -0.22 6.56
C TYR A 54 19.89 0.37 7.79
N LYS A 55 19.15 1.46 7.60
CA LYS A 55 18.43 2.15 8.66
C LYS A 55 19.35 2.48 9.84
N VAL A 56 20.51 3.06 9.50
CA VAL A 56 21.54 3.50 10.44
C VAL A 56 22.33 2.35 11.06
N SER A 57 21.64 1.39 11.70
CA SER A 57 22.40 0.34 12.37
C SER A 57 21.84 -1.08 12.17
N ASN A 58 20.97 -1.30 11.19
CA ASN A 58 20.39 -2.63 11.00
C ASN A 58 21.20 -3.35 9.94
N ARG A 59 21.73 -4.52 10.29
CA ARG A 59 22.53 -5.30 9.35
C ARG A 59 21.64 -6.12 8.42
N ASP A 60 22.19 -6.45 7.26
CA ASP A 60 21.48 -7.26 6.28
C ASP A 60 21.58 -8.74 6.65
N SER A 61 21.29 -9.62 5.70
CA SER A 61 21.50 -11.05 5.87
C SER A 61 22.77 -11.46 5.15
N GLY A 62 23.67 -12.13 5.87
CA GLY A 62 24.91 -12.62 5.31
C GLY A 62 26.14 -11.80 5.65
N VAL A 63 25.96 -10.59 6.18
CA VAL A 63 27.11 -9.77 6.58
C VAL A 63 27.64 -10.27 7.92
N PRO A 64 28.95 -10.17 8.17
CA PRO A 64 29.49 -10.66 9.44
C PRO A 64 29.12 -9.76 10.62
N ASP A 65 29.50 -10.19 11.83
CA ASP A 65 29.23 -9.42 13.04
C ASP A 65 30.21 -8.27 13.26
N ARG A 66 31.29 -8.20 12.47
CA ARG A 66 32.28 -7.15 12.66
C ARG A 66 31.70 -5.77 12.34
N PHE A 67 30.92 -5.67 11.26
CA PHE A 67 30.40 -4.38 10.84
C PHE A 67 29.33 -3.88 11.80
N SER A 68 29.41 -2.59 12.14
CA SER A 68 28.36 -1.96 12.93
C SER A 68 28.27 -0.49 12.55
N GLY A 69 27.09 0.09 12.78
CA GLY A 69 26.87 1.49 12.46
C GLY A 69 26.20 2.21 13.60
N SER A 70 26.47 3.51 13.70
CA SER A 70 25.90 4.33 14.75
C SER A 70 25.76 5.75 14.25
N GLY A 71 25.49 6.67 15.16
CA GLY A 71 25.25 8.06 14.85
C GLY A 71 23.79 8.33 14.56
N SER A 72 23.37 9.58 14.77
CA SER A 72 22.01 9.99 14.52
C SER A 72 21.96 11.49 14.30
N GLY A 73 20.93 11.94 13.58
CA GLY A 73 20.80 13.35 13.26
C GLY A 73 21.48 13.72 11.97
N THR A 74 22.69 14.24 12.05
CA THR A 74 23.43 14.67 10.87
C THR A 74 24.89 14.22 10.92
N ASP A 75 25.15 13.11 11.62
CA ASP A 75 26.51 12.57 11.74
C ASP A 75 26.41 11.08 11.98
N PHE A 76 26.94 10.28 11.06
CA PHE A 76 26.79 8.84 11.11
C PHE A 76 28.15 8.18 10.92
N THR A 77 28.30 6.99 11.52
CA THR A 77 29.61 6.34 11.60
C THR A 77 29.47 4.85 11.34
N LEU A 78 30.47 4.29 10.65
CA LEU A 78 30.60 2.86 10.39
C LEU A 78 31.88 2.39 11.04
N LYS A 79 31.82 1.22 11.69
CA LYS A 79 32.98 0.68 12.39
C LYS A 79 33.12 -0.81 12.11
N ILE A 80 34.36 -1.21 11.85
CA ILE A 80 34.75 -2.59 11.63
C ILE A 80 35.65 -2.98 12.79
N SER A 81 35.14 -3.83 13.68
CA SER A 81 35.86 -4.15 14.91
C SER A 81 37.15 -4.91 14.66
N ARG A 82 37.28 -5.55 13.50
CA ARG A 82 38.48 -6.33 13.19
C ARG A 82 38.60 -6.40 11.67
N VAL A 83 39.60 -5.72 11.12
CA VAL A 83 39.78 -5.67 9.67
C VAL A 83 40.43 -6.97 9.21
N GLU A 84 39.82 -7.61 8.21
CA GLU A 84 40.32 -8.83 7.62
C GLU A 84 40.77 -8.56 6.19
N ALA A 85 41.32 -9.60 5.54
CA ALA A 85 41.85 -9.45 4.20
C ALA A 85 40.76 -9.30 3.14
N GLU A 86 39.50 -9.55 3.48
CA GLU A 86 38.39 -9.46 2.54
C GLU A 86 37.60 -8.16 2.68
N ASP A 87 38.07 -7.22 3.49
CA ASP A 87 37.39 -5.95 3.69
C ASP A 87 37.92 -4.85 2.79
N VAL A 88 38.87 -5.15 1.90
CA VAL A 88 39.44 -4.13 1.03
C VAL A 88 38.41 -3.75 -0.03
N GLY A 89 38.20 -2.46 -0.22
CA GLY A 89 37.28 -1.99 -1.23
C GLY A 89 36.83 -0.56 -0.92
N PHE A 90 35.79 -0.14 -1.63
CA PHE A 90 35.22 1.18 -1.47
C PHE A 90 33.98 1.11 -0.59
N TYR A 91 33.80 2.13 0.24
CA TYR A 91 32.65 2.22 1.14
C TYR A 91 31.93 3.53 0.91
N TYR A 92 30.62 3.46 0.75
CA TYR A 92 29.77 4.62 0.51
C TYR A 92 28.65 4.65 1.53
N CYS A 93 28.14 5.85 1.83
CA CYS A 93 26.95 5.99 2.65
C CYS A 93 25.90 6.76 1.85
N MET A 94 24.69 6.21 1.79
CA MET A 94 23.61 6.78 1.01
C MET A 94 22.40 7.04 1.90
N GLN A 95 21.78 8.21 1.71
CA GLN A 95 20.56 8.56 2.41
C GLN A 95 19.37 8.43 1.47
N ASN A 96 18.29 7.84 1.97
CA ASN A 96 17.02 7.78 1.24
C ASN A 96 15.93 8.29 2.18
N THR A 97 15.87 9.60 2.32
CA THR A 97 14.82 10.31 3.05
C THR A 97 14.24 11.46 2.25
N HIS A 98 15.07 12.14 1.46
CA HIS A 98 14.64 13.25 0.61
C HIS A 98 14.79 12.84 -0.84
N TRP A 99 13.83 13.26 -1.66
CA TRP A 99 13.89 12.98 -3.10
C TRP A 99 14.73 14.04 -3.79
N PRO A 100 15.76 13.65 -4.55
CA PRO A 100 16.20 12.27 -4.81
C PRO A 100 17.31 11.79 -3.87
N LEU A 101 17.66 10.51 -3.96
CA LEU A 101 18.71 9.95 -3.13
C LEU A 101 20.08 10.43 -3.60
N THR A 102 21.02 10.51 -2.65
CA THR A 102 22.38 10.93 -2.92
C THR A 102 23.35 9.95 -2.27
N PHE A 103 24.53 9.84 -2.86
CA PHE A 103 25.59 8.95 -2.38
C PHE A 103 26.71 9.75 -1.75
N GLY A 104 27.52 9.07 -0.94
CA GLY A 104 28.69 9.68 -0.36
C GLY A 104 29.87 9.72 -1.31
N GLY A 105 30.93 10.38 -0.85
CA GLY A 105 32.12 10.51 -1.66
C GLY A 105 32.81 9.18 -1.93
N GLY A 106 32.89 8.32 -0.92
CA GLY A 106 33.54 7.03 -1.09
C GLY A 106 34.88 6.98 -0.39
N THR A 107 35.12 5.96 0.40
CA THR A 107 36.41 5.81 1.08
C THR A 107 37.00 4.45 0.76
N LYS A 108 38.30 4.43 0.46
CA LYS A 108 39.00 3.21 0.09
C LYS A 108 39.72 2.62 1.28
N VAL A 109 39.35 1.41 1.68
CA VAL A 109 40.00 0.73 2.79
C VAL A 109 41.21 -0.02 2.23
N GLU A 110 42.40 0.36 2.67
CA GLU A 110 43.64 -0.25 2.19
C GLU A 110 44.23 -1.12 3.30
N ILE A 111 44.36 -2.41 3.02
CA ILE A 111 44.78 -3.42 3.98
C ILE A 111 46.09 -2.99 4.67
N GLN B 1 15.28 -17.02 -7.41
CA GLN B 1 15.94 -16.02 -6.58
C GLN B 1 15.79 -14.62 -7.18
N VAL B 2 15.74 -13.62 -6.31
CA VAL B 2 15.60 -12.24 -6.77
C VAL B 2 16.89 -11.81 -7.45
N GLN B 3 16.78 -11.37 -8.71
CA GLN B 3 17.96 -10.94 -9.44
C GLN B 3 17.53 -10.03 -10.59
N LEU B 4 18.49 -9.23 -11.06
CA LEU B 4 18.34 -8.36 -12.22
C LEU B 4 19.52 -8.60 -13.15
N VAL B 5 19.24 -8.81 -14.43
CA VAL B 5 20.26 -9.10 -15.43
C VAL B 5 20.24 -7.99 -16.48
N GLN B 6 21.39 -7.41 -16.75
CA GLN B 6 21.51 -6.32 -17.71
C GLN B 6 22.09 -6.84 -19.02
N SER B 7 22.27 -5.94 -19.97
CA SER B 7 22.84 -6.28 -21.26
C SER B 7 24.37 -6.21 -21.20
N GLY B 8 25.03 -6.26 -22.35
CA GLY B 8 26.48 -6.30 -22.39
C GLY B 8 27.11 -4.91 -22.50
N ALA B 9 28.44 -4.90 -22.38
CA ALA B 9 29.20 -3.68 -22.57
C ALA B 9 29.15 -3.24 -24.03
N GLU B 10 29.28 -1.93 -24.26
CA GLU B 10 29.12 -1.46 -25.63
C GLU B 10 29.82 -0.13 -25.85
N VAL B 11 30.23 0.09 -27.10
CA VAL B 11 31.00 1.25 -27.52
C VAL B 11 30.17 2.00 -28.57
N LYS B 12 30.01 3.29 -28.37
CA LYS B 12 29.19 4.12 -29.24
C LYS B 12 29.97 5.34 -29.71
N LYS B 13 29.60 5.83 -30.89
CA LYS B 13 30.13 7.08 -31.40
C LYS B 13 29.44 8.27 -30.72
N PRO B 14 30.08 9.43 -30.71
CA PRO B 14 29.40 10.63 -30.21
C PRO B 14 28.18 10.96 -31.04
N GLY B 15 27.12 11.41 -30.37
CA GLY B 15 25.87 11.73 -31.02
C GLY B 15 24.96 10.55 -31.28
N ALA B 16 25.37 9.34 -30.91
CA ALA B 16 24.57 8.15 -31.12
C ALA B 16 23.59 7.97 -29.96
N SER B 17 22.96 6.81 -29.87
CA SER B 17 21.98 6.52 -28.83
C SER B 17 22.31 5.18 -28.18
N VAL B 18 21.99 5.08 -26.89
CA VAL B 18 22.25 3.89 -26.10
C VAL B 18 20.92 3.43 -25.51
N LYS B 19 20.58 2.15 -25.74
CA LYS B 19 19.38 1.55 -25.18
C LYS B 19 19.80 0.35 -24.37
N VAL B 20 19.75 0.45 -23.04
CA VAL B 20 20.21 -0.58 -22.14
C VAL B 20 19.02 -1.17 -21.39
N SER B 21 19.02 -2.49 -21.25
CA SER B 21 17.90 -3.23 -20.68
C SER B 21 18.23 -3.74 -19.28
N CYS B 22 17.19 -4.18 -18.59
CA CYS B 22 17.32 -4.69 -17.22
C CYS B 22 16.15 -5.61 -16.96
N LYS B 23 16.40 -6.92 -16.95
CA LYS B 23 15.35 -7.92 -16.80
C LYS B 23 15.33 -8.45 -15.38
N ALA B 24 14.15 -8.43 -14.77
CA ALA B 24 13.98 -8.81 -13.38
C ALA B 24 13.40 -10.22 -13.27
N SER B 25 13.88 -10.99 -12.31
CA SER B 25 13.32 -12.31 -12.07
C SER B 25 13.38 -12.63 -10.58
N GLY B 26 12.52 -13.54 -10.15
CA GLY B 26 12.45 -13.95 -8.77
C GLY B 26 11.49 -13.19 -7.89
N TYR B 27 10.80 -12.19 -8.42
CA TYR B 27 9.87 -11.40 -7.64
C TYR B 27 8.82 -10.79 -8.57
N THR B 28 7.76 -10.26 -7.97
CA THR B 28 6.69 -9.63 -8.73
C THR B 28 7.18 -8.29 -9.28
N PHE B 29 7.23 -8.20 -10.61
CA PHE B 29 7.86 -7.06 -11.27
C PHE B 29 7.12 -5.76 -10.96
N THR B 30 5.79 -5.82 -10.85
CA THR B 30 4.97 -4.62 -10.77
C THR B 30 4.77 -4.11 -9.34
N SER B 31 5.39 -4.75 -8.35
CA SER B 31 5.25 -4.31 -6.97
C SER B 31 6.32 -3.31 -6.55
N TYR B 32 7.29 -3.02 -7.40
CA TYR B 32 8.39 -2.13 -7.06
C TYR B 32 8.64 -1.18 -8.23
N GLY B 33 9.69 -0.35 -8.10
CA GLY B 33 10.12 0.50 -9.17
C GLY B 33 11.60 0.28 -9.46
N ILE B 34 12.03 0.79 -10.60
CA ILE B 34 13.39 0.57 -11.09
C ILE B 34 14.12 1.90 -11.16
N SER B 35 15.28 1.95 -10.53
CA SER B 35 16.12 3.15 -10.51
C SER B 35 17.39 2.90 -11.30
N TRP B 36 17.71 3.82 -12.21
CA TRP B 36 18.90 3.74 -13.04
C TRP B 36 19.93 4.71 -12.51
N VAL B 37 21.16 4.21 -12.31
CA VAL B 37 22.25 4.95 -11.69
C VAL B 37 23.48 4.74 -12.57
N ARG B 38 24.42 5.68 -12.49
CA ARG B 38 25.68 5.53 -13.22
C ARG B 38 26.86 5.87 -12.34
N GLN B 39 28.01 5.28 -12.66
CA GLN B 39 29.26 5.52 -11.95
C GLN B 39 30.35 5.76 -12.98
N ALA B 40 30.99 6.91 -12.90
CA ALA B 40 32.05 7.19 -13.85
C ALA B 40 33.39 6.70 -13.31
N PRO B 41 34.32 6.34 -14.18
CA PRO B 41 35.66 5.94 -13.71
C PRO B 41 36.35 7.08 -12.99
N GLY B 42 36.85 6.79 -11.80
CA GLY B 42 37.47 7.83 -10.99
C GLY B 42 36.50 8.91 -10.57
N GLN B 43 35.27 8.54 -10.23
CA GLN B 43 34.25 9.49 -9.81
C GLN B 43 33.21 8.77 -8.97
N GLY B 44 32.41 9.55 -8.25
CA GLY B 44 31.42 9.00 -7.36
C GLY B 44 30.19 8.49 -8.08
N ILE B 45 29.33 7.84 -7.30
CA ILE B 45 28.09 7.27 -7.82
C ILE B 45 27.03 8.35 -7.89
N GLU B 46 26.38 8.47 -9.04
CA GLU B 46 25.43 9.55 -9.29
C GLU B 46 24.09 8.98 -9.75
N TRP B 47 23.01 9.48 -9.16
CA TRP B 47 21.66 9.04 -9.49
C TRP B 47 21.22 9.61 -10.83
N MET B 48 20.49 8.81 -11.60
CA MET B 48 20.09 9.24 -12.93
C MET B 48 18.58 9.24 -13.15
N GLY B 49 17.85 8.26 -12.64
CA GLY B 49 16.41 8.30 -12.84
C GLY B 49 15.68 7.20 -12.11
N TRP B 50 14.35 7.34 -12.08
CA TRP B 50 13.47 6.38 -11.43
C TRP B 50 12.21 6.21 -12.28
N ILE B 51 11.78 4.97 -12.47
CA ILE B 51 10.56 4.69 -13.22
C ILE B 51 9.72 3.68 -12.44
N SER B 52 8.42 3.91 -12.40
CA SER B 52 7.49 3.02 -11.71
C SER B 52 6.94 1.99 -12.69
N THR B 53 7.20 0.72 -12.41
CA THR B 53 6.65 -0.36 -13.22
C THR B 53 5.16 -0.57 -12.99
N TYR B 54 4.59 0.09 -11.98
CA TYR B 54 3.17 -0.08 -11.66
C TYR B 54 2.29 0.77 -12.57
N ASN B 55 2.45 2.09 -12.53
CA ASN B 55 1.58 3.00 -13.26
C ASN B 55 2.34 3.90 -14.24
N GLY B 56 3.59 3.60 -14.52
CA GLY B 56 4.34 4.36 -15.52
C GLY B 56 4.63 5.79 -15.14
N ASN B 57 4.89 6.07 -13.85
CA ASN B 57 5.32 7.38 -13.41
C ASN B 57 6.84 7.41 -13.35
N ARG B 58 7.44 8.42 -13.97
CA ARG B 58 8.89 8.47 -14.09
C ARG B 58 9.39 9.84 -13.65
N ASN B 59 10.67 9.87 -13.27
CA ASN B 59 11.34 11.09 -12.85
C ASN B 59 12.81 11.00 -13.20
N TYR B 60 13.30 11.99 -13.94
CA TYR B 60 14.71 12.03 -14.35
C TYR B 60 15.43 13.12 -13.57
N ALA B 61 16.74 12.95 -13.46
CA ALA B 61 17.57 13.94 -12.79
C ALA B 61 17.69 15.20 -13.64
N GLN B 62 17.93 16.33 -12.97
CA GLN B 62 17.99 17.61 -13.68
C GLN B 62 19.19 17.66 -14.61
N LYS B 63 20.29 17.02 -14.25
CA LYS B 63 21.49 17.05 -15.07
C LYS B 63 21.27 16.32 -16.39
N VAL B 64 20.56 15.20 -16.36
CA VAL B 64 20.39 14.34 -17.53
C VAL B 64 19.03 14.54 -18.20
N GLN B 65 18.18 15.39 -17.65
CA GLN B 65 16.85 15.62 -18.22
C GLN B 65 16.97 16.20 -19.63
N GLY B 66 16.08 15.74 -20.51
CA GLY B 66 16.09 16.16 -21.90
C GLY B 66 16.81 15.22 -22.84
N ARG B 67 17.57 14.27 -22.31
CA ARG B 67 18.28 13.29 -23.14
C ARG B 67 17.99 11.85 -22.77
N VAL B 68 17.31 11.59 -21.64
CA VAL B 68 17.09 10.23 -21.16
C VAL B 68 15.59 9.96 -21.15
N THR B 69 15.21 8.75 -21.56
CA THR B 69 13.83 8.30 -21.47
C THR B 69 13.82 6.85 -20.97
N MET B 70 12.76 6.50 -20.25
CA MET B 70 12.65 5.18 -19.65
C MET B 70 11.29 4.57 -19.98
N THR B 71 11.29 3.27 -20.22
CA THR B 71 10.08 2.52 -20.53
C THR B 71 10.16 1.16 -19.84
N THR B 72 9.02 0.48 -19.76
CA THR B 72 8.94 -0.83 -19.15
C THR B 72 8.15 -1.79 -20.03
N ASP B 73 8.28 -3.07 -19.74
CA ASP B 73 7.57 -4.14 -20.45
C ASP B 73 7.14 -5.17 -19.42
N ARG B 74 5.83 -5.24 -19.18
CA ARG B 74 5.30 -6.15 -18.16
C ARG B 74 5.32 -7.59 -18.64
N SER B 75 5.03 -7.81 -19.92
CA SER B 75 4.93 -9.18 -20.44
C SER B 75 6.27 -9.90 -20.36
N THR B 76 7.37 -9.19 -20.64
CA THR B 76 8.70 -9.74 -20.51
C THR B 76 9.41 -9.32 -19.23
N SER B 77 8.76 -8.50 -18.40
CA SER B 77 9.29 -8.10 -17.10
C SER B 77 10.66 -7.47 -17.21
N THR B 78 10.76 -6.44 -18.05
CA THR B 78 12.04 -5.77 -18.28
C THR B 78 11.84 -4.27 -18.28
N ALA B 79 12.94 -3.55 -18.05
CA ALA B 79 12.94 -2.09 -18.04
C ALA B 79 14.07 -1.59 -18.92
N TYR B 80 13.82 -0.53 -19.69
CA TYR B 80 14.79 0.01 -20.62
C TYR B 80 15.20 1.42 -20.21
N MET B 81 16.35 1.85 -20.72
CA MET B 81 16.80 3.23 -20.58
C MET B 81 17.46 3.64 -21.90
N ASP B 82 16.95 4.70 -22.51
CA ASP B 82 17.47 5.23 -23.76
C ASP B 82 18.08 6.60 -23.51
N LEU B 83 19.36 6.73 -23.84
CA LEU B 83 20.10 7.99 -23.70
C LEU B 83 20.58 8.42 -25.08
N ARG B 84 20.25 9.66 -25.45
CA ARG B 84 20.56 10.18 -26.78
C ARG B 84 21.48 11.39 -26.66
N SER B 85 22.02 11.79 -27.81
CA SER B 85 22.99 12.88 -27.90
C SER B 85 24.17 12.65 -26.96
N LEU B 86 24.84 11.53 -27.18
CA LEU B 86 25.95 11.12 -26.31
C LEU B 86 27.15 12.03 -26.48
N ARG B 87 27.85 12.26 -25.38
CA ARG B 87 29.12 12.96 -25.36
C ARG B 87 30.17 12.06 -24.72
N SER B 88 31.44 12.48 -24.81
CA SER B 88 32.53 11.70 -24.23
C SER B 88 32.43 11.61 -22.71
N ASP B 89 31.67 12.52 -22.09
CA ASP B 89 31.51 12.49 -20.63
C ASP B 89 30.62 11.32 -20.21
N ASP B 90 29.87 10.73 -21.12
CA ASP B 90 28.94 9.65 -20.79
C ASP B 90 29.60 8.29 -20.66
N THR B 91 30.91 8.19 -20.91
CA THR B 91 31.63 6.93 -20.72
C THR B 91 31.61 6.54 -19.25
N ALA B 92 30.87 5.48 -18.89
CA ALA B 92 30.69 5.15 -17.49
C ALA B 92 30.19 3.71 -17.39
N VAL B 93 29.78 3.31 -16.17
CA VAL B 93 29.17 2.02 -15.92
C VAL B 93 27.79 2.27 -15.35
N TYR B 94 26.77 1.69 -15.99
CA TYR B 94 25.38 1.93 -15.63
C TYR B 94 24.83 0.75 -14.87
N TYR B 95 24.22 1.03 -13.72
CA TYR B 95 23.63 0.03 -12.84
C TYR B 95 22.12 0.22 -12.74
N CYS B 96 21.44 -0.89 -12.46
CA CYS B 96 19.99 -1.00 -12.38
C CYS B 96 19.64 -1.55 -11.02
N ALA B 97 18.78 -0.84 -10.28
CA ALA B 97 18.46 -1.25 -8.92
C ALA B 97 16.96 -1.24 -8.69
N ARG B 98 16.51 -2.07 -7.77
CA ARG B 98 15.11 -2.13 -7.35
C ARG B 98 14.91 -1.10 -6.25
N HIS B 99 14.10 -0.07 -6.53
CA HIS B 99 13.97 1.07 -5.63
C HIS B 99 12.50 1.45 -5.51
N GLY B 100 12.04 1.58 -4.27
CA GLY B 100 10.66 1.96 -4.00
C GLY B 100 9.72 0.77 -4.00
N ILE B 101 8.51 1.02 -3.52
CA ILE B 101 7.43 0.04 -3.51
C ILE B 101 6.16 0.76 -3.91
N THR B 102 5.34 0.11 -4.74
CA THR B 102 4.15 0.75 -5.31
C THR B 102 2.99 -0.25 -5.32
N GLY B 103 2.09 -0.12 -4.34
CA GLY B 103 0.93 -0.98 -4.27
C GLY B 103 -0.35 -0.19 -4.37
N ALA B 104 -1.49 -0.82 -4.05
CA ALA B 104 -2.77 -0.13 -4.14
C ALA B 104 -2.86 1.02 -3.15
N ARG B 105 -2.50 0.77 -1.89
CA ARG B 105 -2.55 1.78 -0.84
C ARG B 105 -1.18 2.17 -0.32
N ASN B 106 -0.11 1.68 -0.93
CA ASN B 106 1.24 2.06 -0.56
C ASN B 106 1.99 2.49 -1.80
N TYR B 107 2.55 3.70 -1.78
CA TYR B 107 3.34 4.23 -2.89
C TYR B 107 4.47 5.05 -2.25
N TYR B 108 5.48 4.36 -1.77
CA TYR B 108 6.60 4.97 -1.07
C TYR B 108 7.85 4.96 -1.95
N TYR B 109 8.85 5.74 -1.54
CA TYR B 109 10.12 5.77 -2.23
C TYR B 109 11.33 5.52 -1.34
N HIS B 110 11.13 5.26 -0.04
CA HIS B 110 12.25 5.08 0.87
C HIS B 110 12.50 3.62 1.25
N TYR B 111 12.13 2.70 0.37
CA TYR B 111 12.35 1.27 0.56
C TYR B 111 13.02 0.73 -0.68
N GLY B 112 14.11 -0.02 -0.54
CA GLY B 112 14.72 -0.52 -1.74
C GLY B 112 16.21 -0.27 -1.79
N MET B 113 16.77 -0.54 -2.97
CA MET B 113 18.19 -0.56 -3.32
C MET B 113 18.84 -1.84 -2.80
N ASP B 114 18.00 -2.85 -2.54
CA ASP B 114 18.41 -4.15 -2.03
C ASP B 114 19.23 -4.93 -3.06
N VAL B 115 18.71 -5.06 -4.26
CA VAL B 115 19.27 -5.87 -5.34
C VAL B 115 19.60 -4.99 -6.54
N TRP B 116 20.77 -5.22 -7.12
CA TRP B 116 21.32 -4.41 -8.20
C TRP B 116 21.72 -5.33 -9.35
N GLY B 117 21.96 -4.71 -10.51
CA GLY B 117 22.43 -5.41 -11.68
C GLY B 117 23.94 -5.51 -11.69
N GLN B 118 24.45 -6.20 -12.72
CA GLN B 118 25.89 -6.33 -12.85
C GLN B 118 26.53 -5.11 -13.51
N GLY B 119 25.71 -4.23 -14.08
CA GLY B 119 26.20 -3.01 -14.70
C GLY B 119 26.76 -3.21 -16.08
N THR B 120 26.55 -2.24 -16.97
CA THR B 120 27.09 -2.30 -18.32
C THR B 120 27.99 -1.10 -18.55
N THR B 121 29.15 -1.34 -19.15
CA THR B 121 30.10 -0.27 -19.43
C THR B 121 29.80 0.32 -20.80
N VAL B 122 29.47 1.60 -20.83
CA VAL B 122 29.23 2.32 -22.08
C VAL B 122 30.44 3.20 -22.33
N THR B 123 31.08 3.02 -23.48
CA THR B 123 32.26 3.77 -23.86
C THR B 123 31.93 4.65 -25.06
N VAL B 124 32.03 5.97 -24.88
CA VAL B 124 31.75 6.93 -25.95
C VAL B 124 33.09 7.49 -26.43
N SER B 125 33.34 7.34 -27.72
CA SER B 125 34.60 7.78 -28.30
C SER B 125 34.38 8.52 -29.61
N MET C 42 4.09 10.66 -19.75
CA MET C 42 4.71 11.86 -19.22
C MET C 42 3.90 12.34 -18.02
N LYS C 43 4.33 11.97 -16.82
CA LYS C 43 3.63 12.34 -15.60
C LYS C 43 4.55 12.12 -14.42
N GLU C 44 4.70 13.15 -13.57
CA GLU C 44 5.52 13.04 -12.38
C GLU C 44 4.78 12.27 -11.28
N PRO C 45 5.51 11.61 -10.39
CA PRO C 45 4.86 10.80 -9.35
C PRO C 45 4.63 11.56 -8.05
N CYS C 46 3.55 11.16 -7.37
CA CYS C 46 3.26 11.63 -6.03
C CYS C 46 3.31 10.45 -5.07
N PHE C 47 4.19 10.52 -4.09
CA PHE C 47 4.34 9.49 -3.08
C PHE C 47 3.52 9.84 -1.85
N ARG C 48 2.94 8.82 -1.21
CA ARG C 48 2.11 9.07 -0.04
C ARG C 48 2.97 9.55 1.13
N GLU C 49 2.32 10.21 2.07
CA GLU C 49 2.97 10.76 3.25
C GLU C 49 2.41 10.10 4.50
N GLU C 50 3.30 9.82 5.46
CA GLU C 50 2.90 9.22 6.72
C GLU C 50 3.59 9.94 7.87
N ASN C 51 2.86 10.11 8.97
CA ASN C 51 3.41 10.71 10.18
C ASN C 51 3.02 9.89 11.39
N ALA C 52 3.91 9.88 12.39
CA ALA C 52 3.73 9.03 13.55
C ALA C 52 2.56 9.45 14.43
N ASN C 53 2.14 10.72 14.35
CA ASN C 53 1.12 11.21 15.26
C ASN C 53 -0.29 10.86 14.79
N PHE C 54 -0.58 11.05 13.50
CA PHE C 54 -1.93 10.79 13.01
C PHE C 54 -2.20 9.29 12.88
N ASN C 55 -1.42 8.59 12.06
CA ASN C 55 -1.67 7.18 11.84
C ASN C 55 -1.53 6.37 13.13
N LYS C 56 -0.31 6.28 13.65
CA LYS C 56 0.08 5.30 14.66
C LYS C 56 -0.55 5.55 16.03
N ILE C 57 -1.18 6.70 16.26
CA ILE C 57 -1.83 7.00 17.52
C ILE C 57 -3.33 7.15 17.36
N PHE C 58 -3.76 7.92 16.37
CA PHE C 58 -5.18 8.19 16.21
C PHE C 58 -5.94 6.98 15.65
N LEU C 59 -5.32 6.22 14.75
CA LEU C 59 -6.08 5.13 14.13
C LEU C 59 -6.19 3.90 15.03
N PRO C 60 -5.11 3.45 15.69
CA PRO C 60 -5.28 2.31 16.62
C PRO C 60 -6.31 2.54 17.71
N THR C 61 -6.41 3.76 18.26
CA THR C 61 -7.38 4.01 19.32
C THR C 61 -8.81 3.87 18.80
N ILE C 62 -9.09 4.42 17.63
CA ILE C 62 -10.42 4.27 17.03
C ILE C 62 -10.71 2.82 16.73
N TYR C 63 -9.73 2.10 16.18
CA TYR C 63 -9.94 0.69 15.88
C TYR C 63 -10.22 -0.12 17.14
N SER C 64 -9.51 0.17 18.24
CA SER C 64 -9.75 -0.53 19.49
C SER C 64 -11.13 -0.22 20.06
N ILE C 65 -11.53 1.05 20.03
CA ILE C 65 -12.85 1.41 20.56
C ILE C 65 -13.94 0.73 19.75
N ILE C 66 -13.82 0.76 18.42
CA ILE C 66 -14.79 0.11 17.56
C ILE C 66 -14.83 -1.38 17.82
N PHE C 67 -13.64 -1.99 17.98
CA PHE C 67 -13.59 -3.43 18.25
C PHE C 67 -14.31 -3.79 19.52
N LEU C 68 -14.00 -3.11 20.63
CA LEU C 68 -14.64 -3.46 21.90
C LEU C 68 -16.14 -3.23 21.85
N THR C 69 -16.57 -2.11 21.25
CA THR C 69 -18.00 -1.81 21.19
C THR C 69 -18.72 -2.84 20.33
N GLY C 70 -18.19 -3.11 19.13
CA GLY C 70 -18.87 -4.00 18.23
C GLY C 70 -18.91 -5.43 18.74
N ILE C 71 -17.79 -5.90 19.32
CA ILE C 71 -17.78 -7.26 19.82
C ILE C 71 -18.77 -7.42 20.96
N VAL C 72 -18.82 -6.45 21.88
CA VAL C 72 -19.75 -6.58 23.01
C VAL C 72 -21.20 -6.52 22.50
N GLY C 73 -21.50 -5.55 21.65
CA GLY C 73 -22.88 -5.42 21.17
C GLY C 73 -23.34 -6.63 20.38
N ASN C 74 -22.52 -7.09 19.44
CA ASN C 74 -22.92 -8.22 18.60
C ASN C 74 -22.97 -9.51 19.40
N GLY C 75 -22.06 -9.69 20.36
CA GLY C 75 -22.15 -10.86 21.22
C GLY C 75 -23.41 -10.89 22.04
N LEU C 76 -23.79 -9.74 22.62
CA LEU C 76 -25.03 -9.68 23.38
C LEU C 76 -26.24 -9.93 22.49
N VAL C 77 -26.26 -9.32 21.30
CA VAL C 77 -27.41 -9.49 20.41
C VAL C 77 -27.56 -10.93 19.97
N ILE C 78 -26.45 -11.57 19.58
CA ILE C 78 -26.50 -12.97 19.16
C ILE C 78 -26.90 -13.87 20.32
N LEU C 79 -26.36 -13.61 21.52
CA LEU C 79 -26.70 -14.45 22.66
C LEU C 79 -28.19 -14.34 22.98
N VAL C 80 -28.76 -13.13 22.90
CA VAL C 80 -30.16 -12.96 23.24
C VAL C 80 -31.06 -13.56 22.17
N MET C 81 -30.79 -13.24 20.90
CA MET C 81 -31.64 -13.73 19.80
C MET C 81 -31.56 -15.24 19.65
N GLY C 82 -30.34 -15.78 19.55
CA GLY C 82 -30.18 -17.20 19.30
C GLY C 82 -30.67 -18.07 20.44
N TYR C 83 -30.43 -17.64 21.67
CA TYR C 83 -30.81 -18.40 22.87
C TYR C 83 -31.61 -17.46 23.76
N GLN C 84 -32.92 -17.42 23.52
CA GLN C 84 -33.82 -16.53 24.26
C GLN C 84 -33.87 -16.90 25.75
N ARG C 88 -39.57 -15.27 16.60
CA ARG C 88 -39.66 -13.82 16.68
C ARG C 88 -40.31 -13.25 15.43
N SER C 89 -40.05 -11.98 15.16
CA SER C 89 -40.49 -11.35 13.92
C SER C 89 -39.51 -11.72 12.81
N MET C 90 -39.67 -11.11 11.63
CA MET C 90 -38.77 -11.36 10.51
C MET C 90 -37.64 -10.34 10.47
N THR C 91 -37.90 -9.10 10.87
CA THR C 91 -36.84 -8.11 10.94
C THR C 91 -35.78 -8.53 11.95
N ASP C 92 -36.19 -9.16 13.06
CA ASP C 92 -35.23 -9.71 14.01
C ASP C 92 -34.40 -10.81 13.36
N LYS C 93 -35.03 -11.65 12.54
CA LYS C 93 -34.30 -12.71 11.85
C LYS C 93 -33.25 -12.14 10.91
N TYR C 94 -33.59 -11.05 10.20
CA TYR C 94 -32.60 -10.42 9.33
C TYR C 94 -31.54 -9.66 10.13
N ARG C 95 -31.89 -9.20 11.33
CA ARG C 95 -30.93 -8.47 12.12
C ARG C 95 -29.93 -9.41 12.79
N LEU C 96 -30.33 -10.66 12.98
CA LEU C 96 -29.38 -11.65 13.48
C LEU C 96 -28.31 -11.91 12.43
N HIS C 97 -28.73 -11.96 11.16
CA HIS C 97 -27.78 -12.11 10.06
C HIS C 97 -26.87 -10.88 9.98
N LEU C 98 -27.42 -9.69 10.20
CA LEU C 98 -26.59 -8.49 10.20
C LEU C 98 -25.56 -8.53 11.33
N SER C 99 -25.96 -9.01 12.50
CA SER C 99 -25.02 -9.13 13.62
C SER C 99 -23.91 -10.12 13.29
N VAL C 100 -24.27 -11.26 12.72
CA VAL C 100 -23.25 -12.23 12.33
C VAL C 100 -22.30 -11.64 11.29
N ALA C 101 -22.84 -10.89 10.33
CA ALA C 101 -21.97 -10.25 9.34
C ALA C 101 -21.05 -9.21 9.98
N ASP C 102 -21.52 -8.55 11.05
CA ASP C 102 -20.70 -7.56 11.73
C ASP C 102 -19.59 -8.20 12.56
N LEU C 103 -19.84 -9.40 13.07
CA LEU C 103 -18.83 -10.08 13.87
C LEU C 103 -17.56 -10.34 13.07
N LEU C 104 -17.68 -10.72 11.81
CA LEU C 104 -16.47 -10.98 11.00
C LEU C 104 -15.62 -9.72 10.89
N PHE C 105 -16.26 -8.58 10.63
CA PHE C 105 -15.53 -7.32 10.54
C PHE C 105 -14.86 -6.97 11.86
N VAL C 106 -15.58 -7.16 12.97
CA VAL C 106 -14.98 -6.85 14.26
C VAL C 106 -13.78 -7.75 14.51
N ILE C 107 -13.87 -9.02 14.13
CA ILE C 107 -12.74 -9.93 14.28
C ILE C 107 -11.56 -9.42 13.46
N THR C 108 -11.85 -8.97 12.23
CA THR C 108 -10.82 -8.48 11.31
C THR C 108 -10.08 -7.27 11.84
N LEU C 109 -10.74 -6.43 12.64
CA LEU C 109 -10.09 -5.21 13.12
C LEU C 109 -8.81 -5.39 13.95
N PRO C 110 -8.70 -6.37 14.87
CA PRO C 110 -7.42 -6.54 15.59
C PRO C 110 -6.21 -6.77 14.70
N PHE C 111 -6.40 -7.12 13.44
CA PHE C 111 -5.26 -7.31 12.55
C PHE C 111 -4.83 -5.98 11.93
N TRP C 112 -5.79 -5.18 11.48
CA TRP C 112 -5.47 -3.87 10.93
C TRP C 112 -4.87 -2.97 12.00
N ALA C 113 -5.38 -3.02 13.23
CA ALA C 113 -4.81 -2.19 14.29
C ALA C 113 -3.35 -2.55 14.56
N VAL C 114 -3.05 -3.85 14.65
CA VAL C 114 -1.67 -4.28 14.90
C VAL C 114 -0.77 -3.91 13.72
N ASP C 115 -1.28 -4.08 12.49
CA ASP C 115 -0.50 -3.68 11.31
C ASP C 115 -0.21 -2.19 11.35
N ALA C 116 -1.19 -1.38 11.76
CA ALA C 116 -0.98 0.06 11.85
C ALA C 116 0.06 0.40 12.91
N VAL C 117 0.06 -0.29 14.05
CA VAL C 117 0.96 0.07 15.12
C VAL C 117 2.38 -0.41 14.83
N ALA C 118 2.58 -1.73 14.78
CA ALA C 118 3.93 -2.28 14.75
C ALA C 118 4.34 -2.78 13.36
N ASN C 119 3.65 -3.79 12.85
CA ASN C 119 4.08 -4.52 11.66
C ASN C 119 3.08 -5.60 11.29
N TRP C 120 3.35 -6.34 10.22
CA TRP C 120 2.53 -7.48 9.81
C TRP C 120 3.34 -8.76 10.02
N TYR C 121 3.14 -9.40 11.18
CA TYR C 121 3.87 -10.61 11.54
C TYR C 121 3.10 -11.88 11.23
N PHE C 122 1.91 -11.79 10.63
CA PHE C 122 0.97 -12.90 10.61
C PHE C 122 1.10 -13.78 9.37
N GLY C 123 1.98 -13.46 8.44
CA GLY C 123 2.22 -14.32 7.30
C GLY C 123 1.44 -13.92 6.07
N ASN C 124 1.35 -14.86 5.13
CA ASN C 124 0.73 -14.64 3.84
C ASN C 124 -0.70 -15.17 3.75
N PHE C 125 -0.96 -16.35 4.30
CA PHE C 125 -2.31 -16.90 4.28
C PHE C 125 -3.28 -16.02 5.05
N LEU C 126 -2.86 -15.51 6.20
CA LEU C 126 -3.73 -14.65 7.00
C LEU C 126 -4.03 -13.34 6.28
N CYS C 127 -3.12 -12.86 5.44
CA CYS C 127 -3.38 -11.67 4.64
C CYS C 127 -4.58 -11.89 3.72
N LYS C 128 -4.57 -13.00 2.98
CA LYS C 128 -5.68 -13.34 2.10
C LYS C 128 -6.95 -13.58 2.91
N ALA C 129 -6.84 -14.25 4.06
CA ALA C 129 -8.02 -14.52 4.87
C ALA C 129 -8.66 -13.23 5.37
N VAL C 130 -7.85 -12.29 5.84
CA VAL C 130 -8.37 -11.01 6.30
C VAL C 130 -9.05 -10.25 5.17
N HIS C 131 -8.42 -10.21 4.00
CA HIS C 131 -9.04 -9.50 2.88
C HIS C 131 -10.36 -10.15 2.48
N VAL C 132 -10.40 -11.48 2.41
CA VAL C 132 -11.61 -12.18 2.00
C VAL C 132 -12.73 -11.95 3.01
N ILE C 133 -12.42 -12.06 4.30
CA ILE C 133 -13.43 -11.87 5.33
C ILE C 133 -13.96 -10.44 5.30
N TYR C 134 -13.06 -9.46 5.13
CA TYR C 134 -13.49 -8.07 5.05
C TYR C 134 -14.43 -7.85 3.87
N THR C 135 -14.09 -8.40 2.70
CA THR C 135 -14.94 -8.22 1.54
C THR C 135 -16.30 -8.89 1.73
N VAL C 136 -16.31 -10.10 2.30
CA VAL C 136 -17.57 -10.81 2.51
C VAL C 136 -18.47 -10.03 3.46
N SER C 137 -17.91 -9.59 4.59
CA SER C 137 -18.71 -8.84 5.56
C SER C 137 -19.11 -7.47 5.02
N LEU C 138 -18.34 -6.92 4.09
CA LEU C 138 -18.72 -5.65 3.49
C LEU C 138 -19.89 -5.82 2.54
N TYR C 139 -19.87 -6.86 1.70
CA TYR C 139 -20.89 -7.04 0.69
C TYR C 139 -22.13 -7.77 1.18
N SER C 140 -22.09 -8.42 2.34
CA SER C 140 -23.24 -9.22 2.78
C SER C 140 -24.20 -8.48 3.69
N SER C 141 -23.96 -7.21 3.99
CA SER C 141 -24.86 -6.43 4.84
C SER C 141 -25.86 -5.60 4.07
N VAL C 142 -25.42 -4.96 2.98
CA VAL C 142 -26.32 -4.14 2.17
C VAL C 142 -27.38 -5.01 1.50
N LEU C 143 -27.00 -6.23 1.11
CA LEU C 143 -27.98 -7.14 0.53
C LEU C 143 -29.03 -7.55 1.55
N ILE C 144 -28.62 -7.75 2.80
CA ILE C 144 -29.59 -8.07 3.86
C ILE C 144 -30.51 -6.88 4.10
N LEU C 145 -29.97 -5.66 4.04
CA LEU C 145 -30.82 -4.48 4.14
C LEU C 145 -31.85 -4.44 3.02
N ALA C 146 -31.41 -4.76 1.79
CA ALA C 146 -32.35 -4.81 0.67
C ALA C 146 -33.41 -5.88 0.88
N PHE C 147 -33.02 -7.02 1.47
CA PHE C 147 -34.00 -8.06 1.78
C PHE C 147 -35.00 -7.58 2.83
N ILE C 148 -34.53 -6.81 3.81
CA ILE C 148 -35.43 -6.23 4.81
C ILE C 148 -36.42 -5.30 4.14
N SER C 149 -35.95 -4.48 3.19
CA SER C 149 -36.84 -3.58 2.47
C SER C 149 -37.88 -4.36 1.68
N LEU C 150 -37.46 -5.43 1.00
CA LEU C 150 -38.41 -6.26 0.26
C LEU C 150 -39.42 -6.91 1.19
N ASP C 151 -38.98 -7.38 2.35
CA ASP C 151 -39.91 -7.97 3.32
C ASP C 151 -40.94 -6.95 3.79
N ARG C 152 -40.49 -5.72 4.08
CA ARG C 152 -41.42 -4.68 4.49
C ARG C 152 -42.41 -4.36 3.37
N TYR C 153 -41.92 -4.32 2.13
CA TYR C 153 -42.80 -4.08 0.99
C TYR C 153 -43.88 -5.15 0.90
N LEU C 154 -43.48 -6.42 1.02
CA LEU C 154 -44.45 -7.50 0.95
C LEU C 154 -45.44 -7.45 2.10
N ALA C 155 -44.95 -7.11 3.30
CA ALA C 155 -45.81 -7.12 4.48
C ALA C 155 -46.82 -5.98 4.45
N ILE C 156 -46.43 -4.81 3.96
CA ILE C 156 -47.30 -3.64 4.02
C ILE C 156 -48.14 -3.47 2.77
N VAL C 157 -47.56 -3.64 1.58
CA VAL C 157 -48.29 -3.35 0.35
C VAL C 157 -49.39 -4.38 0.10
N HIS C 158 -49.09 -5.66 0.32
CA HIS C 158 -50.09 -6.69 0.03
C HIS C 158 -50.92 -7.03 1.27
N ALA C 159 -50.29 -7.58 2.31
CA ALA C 159 -50.92 -7.81 3.61
C ALA C 159 -52.08 -8.80 3.56
N THR C 160 -52.42 -9.29 2.36
CA THR C 160 -53.54 -10.22 2.20
C THR C 160 -53.06 -11.65 1.99
N ASN C 161 -52.20 -11.89 1.00
CA ASN C 161 -51.58 -13.19 0.77
C ASN C 161 -50.07 -13.01 0.57
N SER C 162 -49.36 -12.90 1.69
CA SER C 162 -47.91 -12.73 1.64
C SER C 162 -47.13 -13.60 2.61
N GLN C 163 -47.77 -14.27 3.57
CA GLN C 163 -47.01 -15.05 4.55
C GLN C 163 -46.28 -16.21 3.89
N ARG C 164 -46.82 -16.73 2.78
CA ARG C 164 -46.16 -17.85 2.11
C ARG C 164 -44.92 -17.38 1.36
N PRO C 165 -44.99 -16.40 0.46
CA PRO C 165 -43.75 -15.98 -0.19
C PRO C 165 -42.80 -15.34 0.79
N ARG C 166 -43.29 -14.75 1.88
CA ARG C 166 -42.39 -14.16 2.87
C ARG C 166 -41.58 -15.25 3.56
N LYS C 167 -42.23 -16.37 3.90
CA LYS C 167 -41.52 -17.50 4.47
C LYS C 167 -40.50 -18.03 3.46
N LEU C 168 -41.00 -18.49 2.30
CA LEU C 168 -40.12 -19.05 1.28
C LEU C 168 -38.91 -18.15 1.05
N LEU C 169 -39.15 -16.85 0.83
CA LEU C 169 -38.09 -15.91 0.53
C LEU C 169 -37.09 -15.83 1.68
N ALA C 170 -37.59 -15.69 2.92
CA ALA C 170 -36.70 -15.53 4.05
C ALA C 170 -35.82 -16.75 4.24
N GLU C 171 -36.41 -17.94 4.34
CA GLU C 171 -35.59 -19.12 4.62
C GLU C 171 -34.74 -19.53 3.43
N LYS C 172 -35.35 -19.72 2.26
CA LYS C 172 -34.65 -20.30 1.12
C LYS C 172 -33.74 -19.32 0.39
N VAL C 173 -34.21 -18.09 0.18
CA VAL C 173 -33.56 -17.17 -0.74
C VAL C 173 -32.42 -16.34 -0.15
N VAL C 174 -32.39 -16.11 1.16
CA VAL C 174 -31.33 -15.30 1.74
C VAL C 174 -29.98 -15.99 1.61
N TYR C 175 -29.93 -17.32 1.82
CA TYR C 175 -28.69 -18.06 1.68
C TYR C 175 -28.16 -18.03 0.26
N VAL C 176 -29.05 -18.11 -0.74
CA VAL C 176 -28.60 -18.19 -2.13
C VAL C 176 -28.46 -16.81 -2.76
N GLY C 177 -28.94 -15.75 -2.10
CA GLY C 177 -28.88 -14.43 -2.69
C GLY C 177 -28.01 -13.42 -1.98
N VAL C 178 -27.68 -13.64 -0.70
CA VAL C 178 -26.83 -12.73 0.05
C VAL C 178 -25.41 -13.25 0.17
N TRP C 179 -25.26 -14.50 0.62
CA TRP C 179 -23.93 -15.00 0.98
C TRP C 179 -23.18 -15.51 -0.24
N ILE C 180 -23.86 -16.20 -1.14
CA ILE C 180 -23.21 -16.80 -2.31
C ILE C 180 -22.64 -15.71 -3.22
N PRO C 181 -23.40 -14.68 -3.60
CA PRO C 181 -22.77 -13.59 -4.38
C PRO C 181 -21.64 -12.90 -3.64
N ALA C 182 -21.79 -12.75 -2.31
CA ALA C 182 -20.73 -12.12 -1.52
C ALA C 182 -19.46 -12.96 -1.56
N LEU C 183 -19.60 -14.29 -1.48
CA LEU C 183 -18.44 -15.16 -1.59
C LEU C 183 -17.83 -15.11 -2.98
N LEU C 184 -18.67 -15.08 -4.01
CA LEU C 184 -18.16 -15.06 -5.38
C LEU C 184 -17.42 -13.76 -5.68
N LEU C 185 -17.84 -12.65 -5.08
CA LEU C 185 -17.18 -11.37 -5.33
C LEU C 185 -15.81 -11.24 -4.66
N THR C 186 -15.29 -12.29 -4.02
CA THR C 186 -14.01 -12.21 -3.34
C THR C 186 -12.89 -12.94 -4.07
N ILE C 187 -13.11 -13.35 -5.32
CA ILE C 187 -12.03 -13.95 -6.09
C ILE C 187 -10.85 -13.01 -6.28
N PRO C 188 -11.03 -11.73 -6.63
CA PRO C 188 -9.87 -10.83 -6.69
C PRO C 188 -9.15 -10.69 -5.36
N ASP C 189 -9.86 -10.83 -4.24
CA ASP C 189 -9.19 -10.81 -2.95
C ASP C 189 -8.39 -12.09 -2.73
N PHE C 190 -8.85 -13.21 -3.29
CA PHE C 190 -8.06 -14.44 -3.24
C PHE C 190 -6.80 -14.32 -4.08
N ILE C 191 -6.89 -13.64 -5.22
CA ILE C 191 -5.80 -13.64 -6.19
C ILE C 191 -4.77 -12.55 -5.88
N PHE C 192 -5.22 -11.31 -5.73
CA PHE C 192 -4.32 -10.16 -5.76
C PHE C 192 -3.90 -9.66 -4.38
N ALA C 193 -4.39 -10.27 -3.30
CA ALA C 193 -4.06 -9.83 -1.96
C ALA C 193 -2.86 -10.64 -1.45
N ASN C 194 -1.72 -9.97 -1.30
CA ASN C 194 -0.48 -10.62 -0.94
C ASN C 194 0.30 -9.75 0.04
N VAL C 195 1.24 -10.39 0.73
CA VAL C 195 2.16 -9.71 1.64
C VAL C 195 3.51 -9.59 0.94
N SER C 196 4.09 -8.39 0.98
CA SER C 196 5.37 -8.12 0.36
C SER C 196 6.33 -7.52 1.37
N GLU C 197 7.61 -7.85 1.21
CA GLU C 197 8.66 -7.42 2.12
C GLU C 197 9.50 -6.33 1.49
N ALA C 198 9.68 -5.24 2.21
CA ALA C 198 10.58 -4.16 1.82
C ALA C 198 11.43 -3.81 3.02
N ASP C 199 12.75 -4.00 2.89
CA ASP C 199 13.71 -3.82 4.00
C ASP C 199 13.29 -4.79 5.09
N ASP C 200 12.86 -4.33 6.27
CA ASP C 200 12.39 -5.20 7.34
C ASP C 200 10.90 -5.05 7.59
N ARG C 201 10.14 -4.55 6.61
CA ARG C 201 8.73 -4.24 6.75
C ARG C 201 7.90 -5.15 5.86
N TYR C 202 6.95 -5.85 6.45
CA TYR C 202 6.00 -6.68 5.72
C TYR C 202 4.68 -5.93 5.61
N ILE C 203 4.14 -5.84 4.39
CA ILE C 203 2.89 -5.14 4.15
C ILE C 203 1.89 -6.10 3.49
N CYS C 204 0.68 -6.13 4.02
CA CYS C 204 -0.45 -6.84 3.43
C CYS C 204 -1.25 -5.88 2.57
N ASP C 205 -1.36 -6.17 1.27
CA ASP C 205 -2.02 -5.24 0.37
C ASP C 205 -2.45 -5.98 -0.90
N ARG C 206 -3.31 -5.31 -1.68
CA ARG C 206 -3.72 -5.80 -2.99
C ARG C 206 -2.77 -5.23 -4.02
N PHE C 207 -1.98 -6.10 -4.66
CA PHE C 207 -0.97 -5.68 -5.63
C PHE C 207 -1.44 -6.04 -7.04
N TYR C 208 -1.89 -5.04 -7.79
CA TYR C 208 -2.37 -5.27 -9.14
C TYR C 208 -1.27 -4.98 -10.15
N PRO C 209 -1.42 -5.45 -11.39
CA PRO C 209 -0.40 -5.15 -12.40
C PRO C 209 -0.25 -3.66 -12.69
N ASN C 210 -1.35 -2.91 -12.74
CA ASN C 210 -1.29 -1.47 -12.94
C ASN C 210 -2.53 -0.83 -12.32
N ASP C 211 -2.50 0.48 -12.24
CA ASP C 211 -3.51 1.32 -11.59
C ASP C 211 -4.87 1.30 -12.29
N LEU C 212 -5.23 0.43 -13.23
CA LEU C 212 -6.58 0.45 -13.76
C LEU C 212 -7.51 -0.57 -13.10
N TRP C 213 -7.00 -1.72 -12.66
CA TRP C 213 -7.83 -2.60 -11.86
C TRP C 213 -8.30 -1.91 -10.58
N VAL C 214 -7.51 -1.01 -10.02
CA VAL C 214 -7.96 -0.30 -8.82
C VAL C 214 -9.23 0.48 -9.14
N VAL C 215 -9.24 1.20 -10.26
CA VAL C 215 -10.42 1.95 -10.67
C VAL C 215 -11.58 1.00 -10.96
N VAL C 216 -11.30 -0.11 -11.66
CA VAL C 216 -12.35 -1.06 -12.03
C VAL C 216 -13.02 -1.62 -10.79
N PHE C 217 -12.24 -2.04 -9.81
CA PHE C 217 -12.82 -2.63 -8.60
C PHE C 217 -13.42 -1.58 -7.68
N GLN C 218 -12.95 -0.33 -7.74
CA GLN C 218 -13.63 0.72 -6.98
C GLN C 218 -15.00 1.03 -7.57
N PHE C 219 -15.10 1.05 -8.90
CA PHE C 219 -16.40 1.23 -9.54
C PHE C 219 -17.31 0.03 -9.27
N GLN C 220 -16.75 -1.19 -9.27
CA GLN C 220 -17.54 -2.36 -8.90
C GLN C 220 -18.05 -2.24 -7.47
N HIS C 221 -17.18 -1.81 -6.55
CA HIS C 221 -17.58 -1.61 -5.16
C HIS C 221 -18.72 -0.62 -5.06
N ILE C 222 -18.60 0.53 -5.72
CA ILE C 222 -19.64 1.55 -5.65
C ILE C 222 -20.94 1.02 -6.22
N MET C 223 -20.88 0.38 -7.38
CA MET C 223 -22.09 -0.12 -8.04
C MET C 223 -22.79 -1.18 -7.20
N VAL C 224 -22.02 -2.11 -6.64
CA VAL C 224 -22.65 -3.19 -5.86
C VAL C 224 -23.19 -2.66 -4.55
N GLY C 225 -22.43 -1.82 -3.84
CA GLY C 225 -22.79 -1.44 -2.50
C GLY C 225 -23.76 -0.28 -2.38
N LEU C 226 -23.82 0.60 -3.39
CA LEU C 226 -24.56 1.84 -3.25
C LEU C 226 -25.73 2.02 -4.20
N ILE C 227 -25.69 1.43 -5.39
CA ILE C 227 -26.66 1.82 -6.41
C ILE C 227 -27.82 0.82 -6.54
N LEU C 228 -27.51 -0.43 -6.86
CA LEU C 228 -28.60 -1.39 -7.09
C LEU C 228 -29.39 -1.67 -5.82
N PRO C 229 -28.78 -2.03 -4.68
CA PRO C 229 -29.57 -2.08 -3.44
C PRO C 229 -30.20 -0.75 -3.09
N GLY C 230 -29.50 0.37 -3.36
CA GLY C 230 -30.10 1.67 -3.12
C GLY C 230 -31.34 1.90 -3.95
N ILE C 231 -31.29 1.51 -5.23
CA ILE C 231 -32.45 1.64 -6.10
C ILE C 231 -33.60 0.78 -5.58
N VAL C 232 -33.30 -0.46 -5.20
CA VAL C 232 -34.34 -1.37 -4.72
C VAL C 232 -34.99 -0.80 -3.46
N ILE C 233 -34.17 -0.35 -2.51
CA ILE C 233 -34.69 0.16 -1.24
C ILE C 233 -35.53 1.42 -1.48
N LEU C 234 -35.02 2.35 -2.29
CA LEU C 234 -35.73 3.60 -2.48
C LEU C 234 -36.97 3.43 -3.34
N SER C 235 -37.06 2.36 -4.14
CA SER C 235 -38.27 2.12 -4.89
C SER C 235 -39.32 1.43 -4.02
N CYS C 236 -38.88 0.48 -3.18
CA CYS C 236 -39.82 -0.11 -2.25
C CYS C 236 -40.39 0.95 -1.32
N TYR C 237 -39.54 1.86 -0.82
CA TYR C 237 -40.05 2.88 0.09
C TYR C 237 -40.91 3.91 -0.63
N CYS C 238 -40.58 4.26 -1.89
CA CYS C 238 -41.45 5.16 -2.63
C CYS C 238 -42.83 4.55 -2.83
N ILE C 239 -42.90 3.26 -3.21
CA ILE C 239 -44.20 2.65 -3.42
C ILE C 239 -44.96 2.48 -2.11
N ILE C 240 -44.24 2.24 -1.00
CA ILE C 240 -44.89 2.13 0.30
C ILE C 240 -45.50 3.47 0.70
N ILE C 241 -44.73 4.55 0.58
CA ILE C 241 -45.22 5.86 0.98
C ILE C 241 -46.37 6.30 0.07
N SER C 242 -46.28 5.98 -1.22
CA SER C 242 -47.40 6.25 -2.12
C SER C 242 -48.64 5.47 -1.72
N LYS C 243 -48.47 4.21 -1.31
CA LYS C 243 -49.61 3.40 -0.90
C LYS C 243 -50.21 3.89 0.42
N LEU C 244 -49.38 4.39 1.33
CA LEU C 244 -49.83 4.79 2.66
C LEU C 244 -50.15 6.28 2.75
N SER C 245 -50.30 6.96 1.61
CA SER C 245 -50.61 8.39 1.65
C SER C 245 -52.05 8.65 2.04
N HIS C 246 -52.97 7.80 1.59
CA HIS C 246 -54.39 7.97 1.90
C HIS C 246 -54.77 7.31 3.23
N SER C 247 -53.87 6.57 3.85
CA SER C 247 -54.17 5.91 5.12
C SER C 247 -54.45 6.91 6.23
N LYS C 252 -47.88 -0.40 13.07
CA LYS C 252 -47.27 -0.51 11.74
C LYS C 252 -46.08 0.44 11.59
N ARG C 253 -46.19 1.63 12.18
CA ARG C 253 -45.13 2.63 12.09
C ARG C 253 -44.04 2.42 13.12
N LYS C 254 -44.25 1.52 14.09
CA LYS C 254 -43.24 1.27 15.11
C LYS C 254 -42.07 0.46 14.57
N ALA C 255 -42.34 -0.42 13.59
CA ALA C 255 -41.27 -1.18 12.96
C ALA C 255 -40.79 -0.48 11.69
N LEU C 256 -41.70 0.19 10.98
CA LEU C 256 -41.30 0.91 9.77
C LEU C 256 -40.33 2.05 10.10
N LYS C 257 -40.60 2.81 11.17
CA LYS C 257 -39.67 3.87 11.52
C LYS C 257 -38.33 3.32 11.97
N THR C 258 -38.33 2.20 12.72
CA THR C 258 -37.08 1.59 13.13
C THR C 258 -36.25 1.14 11.93
N THR C 259 -36.89 0.49 10.96
CA THR C 259 -36.18 0.03 9.78
C THR C 259 -35.67 1.22 8.95
N VAL C 260 -36.48 2.27 8.83
CA VAL C 260 -36.05 3.46 8.10
C VAL C 260 -34.85 4.11 8.77
N ILE C 261 -34.88 4.21 10.10
CA ILE C 261 -33.76 4.79 10.82
C ILE C 261 -32.50 3.95 10.64
N LEU C 262 -32.63 2.62 10.71
CA LEU C 262 -31.47 1.76 10.53
C LEU C 262 -30.87 1.93 9.13
N ILE C 263 -31.72 1.94 8.10
CA ILE C 263 -31.22 2.05 6.73
C ILE C 263 -30.59 3.43 6.49
N LEU C 264 -31.23 4.48 7.01
CA LEU C 264 -30.67 5.83 6.85
C LEU C 264 -29.32 5.95 7.55
N ALA C 265 -29.20 5.41 8.75
CA ALA C 265 -27.92 5.47 9.46
C ALA C 265 -26.84 4.70 8.71
N PHE C 266 -27.17 3.50 8.21
CA PHE C 266 -26.19 2.72 7.47
C PHE C 266 -25.75 3.44 6.20
N PHE C 267 -26.69 4.03 5.47
CA PHE C 267 -26.34 4.71 4.23
C PHE C 267 -25.75 6.10 4.45
N ALA C 268 -25.85 6.64 5.66
CA ALA C 268 -25.20 7.90 5.98
C ALA C 268 -23.81 7.71 6.57
N CYS C 269 -23.50 6.51 7.09
CA CYS C 269 -22.14 6.24 7.54
C CYS C 269 -21.18 5.99 6.38
N TRP C 270 -21.69 5.62 5.20
CA TRP C 270 -20.84 5.22 4.08
C TRP C 270 -20.74 6.27 2.99
N LEU C 271 -21.58 7.30 3.01
CA LEU C 271 -21.61 8.27 1.91
C LEU C 271 -20.30 9.05 1.76
N PRO C 272 -19.69 9.62 2.81
CA PRO C 272 -18.41 10.31 2.59
C PRO C 272 -17.33 9.41 2.03
N TYR C 273 -17.30 8.14 2.45
CA TYR C 273 -16.31 7.21 1.92
C TYR C 273 -16.51 6.99 0.42
N TYR C 274 -17.77 6.86 0.00
CA TYR C 274 -18.05 6.70 -1.43
C TYR C 274 -17.69 7.95 -2.22
N ILE C 275 -17.93 9.13 -1.64
CA ILE C 275 -17.51 10.37 -2.29
C ILE C 275 -16.00 10.40 -2.46
N GLY C 276 -15.27 10.02 -1.41
CA GLY C 276 -13.81 9.98 -1.52
C GLY C 276 -13.34 8.99 -2.56
N ILE C 277 -13.97 7.82 -2.61
CA ILE C 277 -13.61 6.82 -3.62
C ILE C 277 -13.86 7.35 -5.01
N SER C 278 -15.00 8.01 -5.22
CA SER C 278 -15.31 8.57 -6.53
C SER C 278 -14.29 9.62 -6.94
N ILE C 279 -13.91 10.50 -6.01
CA ILE C 279 -12.92 11.53 -6.32
C ILE C 279 -11.58 10.90 -6.66
N ASP C 280 -11.18 9.88 -5.89
CA ASP C 280 -9.91 9.21 -6.16
C ASP C 280 -9.92 8.54 -7.53
N SER C 281 -11.04 7.88 -7.87
CA SER C 281 -11.13 7.22 -9.17
C SER C 281 -11.15 8.24 -10.30
N PHE C 282 -11.73 9.42 -10.07
CA PHE C 282 -11.69 10.45 -11.10
C PHE C 282 -10.34 11.14 -11.18
N ILE C 283 -9.48 10.95 -10.18
CA ILE C 283 -8.10 11.43 -10.28
C ILE C 283 -7.23 10.41 -11.00
N LEU C 284 -7.46 9.12 -10.76
CA LEU C 284 -6.68 8.09 -11.44
C LEU C 284 -6.93 8.08 -12.94
N LEU C 285 -8.16 8.42 -13.38
CA LEU C 285 -8.45 8.56 -14.80
C LEU C 285 -7.83 9.79 -15.42
N GLU C 286 -7.19 10.66 -14.62
CA GLU C 286 -6.60 11.90 -15.11
C GLU C 286 -7.66 12.82 -15.72
N ILE C 287 -8.84 12.81 -15.12
CA ILE C 287 -9.87 13.79 -15.48
C ILE C 287 -9.82 15.00 -14.55
N ILE C 288 -9.22 14.86 -13.38
CA ILE C 288 -9.05 15.95 -12.42
C ILE C 288 -7.56 16.14 -12.22
N LYS C 289 -7.04 17.30 -12.63
CA LYS C 289 -5.62 17.64 -12.50
C LYS C 289 -5.53 18.93 -11.69
N GLN C 290 -5.23 18.81 -10.39
CA GLN C 290 -5.14 19.96 -9.51
C GLN C 290 -3.88 19.92 -8.66
N GLY C 291 -2.81 19.35 -9.19
CA GLY C 291 -1.54 19.32 -8.49
C GLY C 291 -1.33 18.04 -7.71
N CYS C 292 -0.39 18.12 -6.76
CA CYS C 292 0.01 16.98 -5.95
C CYS C 292 -0.43 17.07 -4.50
N GLU C 293 -0.62 18.28 -3.96
CA GLU C 293 -1.11 18.41 -2.59
C GLU C 293 -2.58 18.03 -2.49
N PHE C 294 -3.35 18.26 -3.56
CA PHE C 294 -4.76 17.86 -3.57
C PHE C 294 -4.91 16.36 -3.43
N GLU C 295 -4.03 15.59 -4.09
CA GLU C 295 -4.09 14.14 -3.97
C GLU C 295 -3.81 13.69 -2.55
N ASN C 296 -2.83 14.31 -1.88
CA ASN C 296 -2.56 13.96 -0.49
C ASN C 296 -3.73 14.33 0.41
N THR C 297 -4.35 15.48 0.17
CA THR C 297 -5.52 15.87 0.94
C THR C 297 -6.66 14.87 0.78
N VAL C 298 -6.94 14.47 -0.45
CA VAL C 298 -8.04 13.53 -0.66
C VAL C 298 -7.70 12.17 -0.09
N HIS C 299 -6.42 11.76 -0.13
CA HIS C 299 -6.05 10.48 0.48
C HIS C 299 -6.25 10.51 1.99
N LYS C 300 -5.85 11.61 2.63
CA LYS C 300 -6.07 11.74 4.07
C LYS C 300 -7.55 11.72 4.40
N TRP C 301 -8.37 12.41 3.60
CA TRP C 301 -9.79 12.43 3.88
C TRP C 301 -10.44 11.07 3.60
N ILE C 302 -9.95 10.32 2.62
CA ILE C 302 -10.43 8.95 2.41
C ILE C 302 -10.11 8.09 3.64
N SER C 303 -8.90 8.22 4.18
CA SER C 303 -8.56 7.47 5.38
C SER C 303 -9.49 7.83 6.54
N ILE C 304 -9.72 9.14 6.74
CA ILE C 304 -10.56 9.58 7.84
C ILE C 304 -11.99 9.07 7.67
N THR C 305 -12.54 9.18 6.46
CA THR C 305 -13.91 8.75 6.23
C THR C 305 -14.05 7.24 6.27
N GLU C 306 -13.00 6.50 5.93
CA GLU C 306 -13.02 5.05 6.14
C GLU C 306 -13.07 4.71 7.62
N ALA C 307 -12.27 5.41 8.44
CA ALA C 307 -12.36 5.21 9.88
C ALA C 307 -13.74 5.56 10.40
N LEU C 308 -14.37 6.59 9.85
CA LEU C 308 -15.73 6.93 10.23
C LEU C 308 -16.71 5.83 9.83
N ALA C 309 -16.59 5.34 8.59
CA ALA C 309 -17.49 4.31 8.09
C ALA C 309 -17.31 2.97 8.79
N PHE C 310 -16.18 2.75 9.45
CA PHE C 310 -16.00 1.52 10.22
C PHE C 310 -16.91 1.44 11.44
N PHE C 311 -17.80 2.42 11.62
CA PHE C 311 -18.74 2.45 12.74
C PHE C 311 -20.06 1.77 12.40
N HIS C 312 -20.16 1.14 11.22
CA HIS C 312 -21.39 0.47 10.81
C HIS C 312 -21.62 -0.86 11.51
N CYS C 313 -20.62 -1.38 12.23
CA CYS C 313 -20.76 -2.64 12.95
C CYS C 313 -21.24 -2.45 14.38
N CYS C 314 -21.72 -1.25 14.71
CA CYS C 314 -22.24 -0.95 16.04
C CYS C 314 -23.66 -0.40 16.02
N LEU C 315 -24.20 -0.05 14.85
CA LEU C 315 -25.52 0.55 14.77
C LEU C 315 -26.62 -0.41 15.22
N ASN C 316 -26.52 -1.69 14.83
CA ASN C 316 -27.57 -2.64 15.18
C ASN C 316 -27.76 -2.82 16.69
N PRO C 317 -26.71 -3.01 17.50
CA PRO C 317 -26.94 -3.08 18.95
C PRO C 317 -27.25 -1.75 19.59
N ILE C 318 -27.02 -0.63 18.89
CA ILE C 318 -27.43 0.65 19.46
C ILE C 318 -28.91 0.87 19.22
N LEU C 319 -29.40 0.51 18.03
CA LEU C 319 -30.84 0.59 17.83
C LEU C 319 -31.57 -0.53 18.58
N TYR C 320 -30.83 -1.52 19.09
CA TYR C 320 -31.46 -2.49 19.97
C TYR C 320 -31.53 -1.97 21.40
N ALA C 321 -30.46 -1.33 21.87
CA ALA C 321 -30.45 -0.83 23.24
C ALA C 321 -31.34 0.40 23.40
N PHE C 322 -31.24 1.35 22.47
CA PHE C 322 -31.96 2.61 22.62
C PHE C 322 -33.45 2.44 22.33
N LEU C 323 -33.79 1.83 21.20
CA LEU C 323 -35.19 1.69 20.82
C LEU C 323 -35.94 0.63 21.62
N GLY C 324 -35.22 -0.18 22.41
CA GLY C 324 -35.86 -1.12 23.29
C GLY C 324 -36.29 -2.43 22.65
N ALA C 325 -36.02 -2.62 21.36
CA ALA C 325 -36.39 -3.84 20.65
C ALA C 325 -37.88 -4.13 20.74
#